data_3CWF
#
_entry.id   3CWF
#
_cell.length_a   55.503
_cell.length_b   67.632
_cell.length_c   77.695
_cell.angle_alpha   90.00
_cell.angle_beta   90.00
_cell.angle_gamma   90.00
#
_symmetry.space_group_name_H-M   'P 21 21 21'
#
loop_
_entity.id
_entity.type
_entity.pdbx_description
1 polymer 'Alkaline phosphatase synthesis sensor protein phoR'
2 non-polymer '4-(2-HYDROXYETHYL)-1-PIPERAZINE ETHANESULFONIC ACID'
3 non-polymer 1,2-ETHANEDIOL
4 water water
#
_entity_poly.entity_id   1
_entity_poly.type   'polypeptide(L)'
_entity_poly.pdbx_seq_one_letter_code
;SNAETSDQRKAEEHIEKEAKYLASLLDAGNLNNQANEKIIKDAGGALDVSASVIDTDGKVLYGSNGRSADSQKVQALVSG
HEGILSTTDNKLYYGLSLRSEGEKTGYVLLSASEKSDGLKGE
;
_entity_poly.pdbx_strand_id   A,B
#
loop_
_chem_comp.id
_chem_comp.type
_chem_comp.name
_chem_comp.formula
EDO non-polymer 1,2-ETHANEDIOL 'C2 H6 O2'
EPE non-polymer '4-(2-HYDROXYETHYL)-1-PIPERAZINE ETHANESULFONIC ACID' 'C8 H18 N2 O4 S'
#
# COMPACT_ATOMS: atom_id res chain seq x y z
N THR A 5 10.09 10.33 -16.81
CA THR A 5 9.31 11.59 -17.08
C THR A 5 8.42 11.43 -18.37
N SER A 6 7.17 11.88 -18.29
CA SER A 6 6.58 12.32 -17.01
C SER A 6 5.57 11.28 -16.54
N ASP A 7 4.74 10.83 -17.48
CA ASP A 7 3.74 9.78 -17.25
C ASP A 7 4.42 8.45 -16.99
N GLN A 8 5.65 8.31 -17.50
CA GLN A 8 6.46 7.13 -17.28
C GLN A 8 7.04 7.10 -15.85
N ARG A 9 7.57 8.23 -15.36
CA ARG A 9 8.15 8.29 -14.00
C ARG A 9 7.08 8.14 -12.91
N LYS A 10 5.86 8.59 -13.22
CA LYS A 10 4.72 8.48 -12.31
C LYS A 10 4.33 7.00 -12.20
N ALA A 11 4.22 6.34 -13.36
CA ALA A 11 3.99 4.92 -13.50
C ALA A 11 5.01 4.10 -12.72
N GLU A 12 6.30 4.46 -12.85
CA GLU A 12 7.39 3.80 -12.13
C GLU A 12 7.35 4.01 -10.61
N GLU A 13 6.96 5.21 -10.20
CA GLU A 13 6.76 5.55 -8.81
C GLU A 13 5.63 4.74 -8.20
N HIS A 14 4.50 4.69 -8.91
CA HIS A 14 3.33 3.93 -8.46
C HIS A 14 3.60 2.45 -8.34
N ILE A 15 4.23 1.84 -9.34
CA ILE A 15 4.46 0.39 -9.26
C ILE A 15 5.43 0.05 -8.12
N GLU A 16 6.37 0.94 -7.84
CA GLU A 16 7.29 0.75 -6.71
C GLU A 16 6.56 0.74 -5.35
N LYS A 17 5.71 1.74 -5.13
CA LYS A 17 4.94 1.86 -3.91
C LYS A 17 3.93 0.73 -3.76
N GLU A 18 3.21 0.41 -4.83
CA GLU A 18 2.33 -0.81 -4.85
C GLU A 18 3.05 -2.09 -4.48
N ALA A 19 4.27 -2.25 -4.97
CA ALA A 19 5.05 -3.48 -4.74
C ALA A 19 5.43 -3.62 -3.28
N LYS A 20 6.00 -2.53 -2.74
CA LYS A 20 6.34 -2.39 -1.33
C LYS A 20 5.15 -2.59 -0.38
N TYR A 21 4.01 -2.02 -0.75
CA TYR A 21 2.78 -2.21 0.01
C TYR A 21 2.39 -3.71 0.04
N LEU A 22 2.40 -4.37 -1.11
CA LEU A 22 2.03 -5.80 -1.20
C LEU A 22 3.00 -6.70 -0.45
N ALA A 23 4.29 -6.42 -0.58
CA ALA A 23 5.31 -7.10 0.16
C ALA A 23 5.10 -7.00 1.68
N SER A 24 4.69 -5.83 2.17
CA SER A 24 4.41 -5.66 3.60
C SER A 24 3.26 -6.56 4.09
N LEU A 25 2.35 -6.91 3.19
CA LEU A 25 1.13 -7.61 3.58
C LEU A 25 1.36 -9.12 3.77
N LEU A 26 2.42 -9.64 3.16
CA LEU A 26 2.63 -11.08 3.03
C LEU A 26 3.28 -11.63 4.29
N ASP A 27 2.87 -12.84 4.66
CA ASP A 27 3.59 -13.62 5.67
C ASP A 27 4.66 -14.39 4.91
N ALA A 28 5.88 -13.86 4.95
CA ALA A 28 7.01 -14.41 4.18
C ALA A 28 7.60 -15.69 4.78
N GLY A 29 7.20 -16.00 6.02
CA GLY A 29 7.56 -17.25 6.68
C GLY A 29 6.74 -18.43 6.18
N ASN A 30 5.58 -18.15 5.58
CA ASN A 30 4.73 -19.19 4.98
C ASN A 30 4.22 -18.76 3.62
N LEU A 31 5.13 -18.60 2.66
CA LEU A 31 4.75 -17.95 1.38
C LEU A 31 3.72 -18.76 0.60
N ASN A 32 3.89 -20.09 0.59
CA ASN A 32 3.01 -20.97 -0.18
C ASN A 32 1.88 -21.49 0.68
N ASN A 33 1.02 -20.58 1.09
CA ASN A 33 -0.20 -20.92 1.82
C ASN A 33 -1.32 -20.14 1.19
N GLN A 34 -2.53 -20.50 1.62
CA GLN A 34 -3.80 -20.09 1.04
C GLN A 34 -4.16 -18.68 1.42
N ALA A 35 -3.82 -18.30 2.66
CA ALA A 35 -3.98 -16.96 3.20
C ALA A 35 -3.19 -15.91 2.41
N ASN A 36 -1.93 -16.19 2.07
CA ASN A 36 -1.12 -15.26 1.29
C ASN A 36 -1.64 -15.11 -0.14
N GLU A 37 -1.99 -16.24 -0.74
CA GLU A 37 -2.61 -16.28 -2.05
C GLU A 37 -3.84 -15.36 -2.12
N LYS A 38 -4.74 -15.50 -1.14
CA LYS A 38 -5.91 -14.64 -1.02
C LYS A 38 -5.56 -13.13 -0.94
N ILE A 39 -4.57 -12.80 -0.12
CA ILE A 39 -4.07 -11.41 0.04
C ILE A 39 -3.66 -10.82 -1.30
N ILE A 40 -2.96 -11.60 -2.13
CA ILE A 40 -2.45 -11.13 -3.41
C ILE A 40 -3.54 -11.04 -4.46
N LYS A 41 -4.45 -12.02 -4.43
CA LYS A 41 -5.59 -11.99 -5.32
C LYS A 41 -6.47 -10.76 -5.02
N ASP A 42 -6.75 -10.52 -3.73
CA ASP A 42 -7.63 -9.41 -3.36
C ASP A 42 -6.96 -8.06 -3.61
N ALA A 43 -5.76 -7.88 -3.09
CA ALA A 43 -5.05 -6.60 -3.18
C ALA A 43 -4.62 -6.26 -4.59
N GLY A 44 -4.14 -7.25 -5.34
CA GLY A 44 -3.88 -7.11 -6.77
C GLY A 44 -5.07 -6.62 -7.58
N GLY A 45 -6.23 -7.20 -7.30
CA GLY A 45 -7.49 -6.77 -7.92
C GLY A 45 -7.92 -5.36 -7.51
N ALA A 46 -7.79 -5.02 -6.23
CA ALA A 46 -8.18 -3.68 -5.76
C ALA A 46 -7.24 -2.56 -6.21
N LEU A 47 -5.97 -2.90 -6.40
CA LEU A 47 -4.95 -1.92 -6.85
C LEU A 47 -4.80 -1.87 -8.39
N ASP A 48 -5.45 -2.84 -9.03
CA ASP A 48 -5.45 -3.02 -10.49
C ASP A 48 -4.02 -3.20 -11.02
N VAL A 49 -3.34 -4.19 -10.44
N VAL A 49 -3.31 -4.18 -10.45
CA VAL A 49 -1.99 -4.56 -10.82
CA VAL A 49 -1.95 -4.51 -10.90
C VAL A 49 -1.92 -6.07 -11.01
C VAL A 49 -1.76 -6.02 -10.86
N SER A 50 -0.94 -6.55 -11.77
CA SER A 50 -0.66 -7.98 -11.84
C SER A 50 0.51 -8.24 -10.93
N ALA A 51 0.32 -9.07 -9.93
CA ALA A 51 1.39 -9.36 -8.97
C ALA A 51 1.47 -10.89 -8.85
N SER A 52 2.68 -11.44 -8.94
CA SER A 52 2.95 -12.85 -8.71
C SER A 52 3.93 -13.01 -7.57
N VAL A 53 3.78 -14.10 -6.85
CA VAL A 53 4.76 -14.51 -5.81
C VAL A 53 5.52 -15.76 -6.30
N ILE A 54 6.84 -15.73 -6.16
CA ILE A 54 7.77 -16.68 -6.73
C ILE A 54 8.66 -17.19 -5.56
N ASP A 55 8.93 -18.48 -5.49
CA ASP A 55 9.88 -18.94 -4.49
C ASP A 55 11.33 -18.75 -4.95
N THR A 56 12.27 -19.14 -4.10
CA THR A 56 13.67 -18.91 -4.36
C THR A 56 14.22 -19.82 -5.49
N ASP A 57 13.47 -20.87 -5.84
CA ASP A 57 13.77 -21.73 -7.01
C ASP A 57 13.23 -21.19 -8.36
N GLY A 58 12.53 -20.06 -8.35
CA GLY A 58 11.94 -19.54 -9.59
C GLY A 58 10.54 -20.08 -9.88
N LYS A 59 9.99 -20.90 -9.00
CA LYS A 59 8.63 -21.40 -9.18
C LYS A 59 7.54 -20.39 -8.77
N VAL A 60 6.57 -20.18 -9.66
CA VAL A 60 5.51 -19.23 -9.40
C VAL A 60 4.47 -19.94 -8.53
N LEU A 61 4.17 -19.35 -7.39
CA LEU A 61 3.25 -19.95 -6.42
C LEU A 61 1.83 -19.58 -6.71
N TYR A 62 1.59 -18.30 -6.99
CA TYR A 62 0.23 -17.79 -7.27
C TYR A 62 0.38 -16.34 -7.79
N GLY A 63 -0.66 -15.81 -8.42
CA GLY A 63 -0.65 -14.43 -8.83
C GLY A 63 -2.05 -13.88 -8.92
N SER A 64 -2.17 -12.56 -8.93
CA SER A 64 -3.49 -11.95 -8.95
C SER A 64 -4.23 -12.13 -10.29
N ASN A 65 -3.46 -12.45 -11.33
CA ASN A 65 -3.93 -12.59 -12.70
C ASN A 65 -3.57 -13.98 -13.21
N GLY A 66 -3.56 -14.96 -12.30
CA GLY A 66 -3.12 -16.31 -12.68
C GLY A 66 -1.70 -16.63 -12.23
N ARG A 67 -1.40 -17.92 -12.15
CA ARG A 67 -0.12 -18.38 -11.63
C ARG A 67 0.96 -18.37 -12.75
N SER A 68 1.36 -17.18 -13.17
CA SER A 68 2.42 -16.97 -14.14
C SER A 68 3.24 -15.72 -13.86
N ALA A 69 4.42 -15.68 -14.47
CA ALA A 69 5.32 -14.55 -14.38
C ALA A 69 6.20 -14.63 -15.62
N ASP A 70 6.62 -13.47 -16.13
CA ASP A 70 7.58 -13.44 -17.23
C ASP A 70 8.85 -14.12 -16.81
N SER A 71 9.26 -15.10 -17.61
CA SER A 71 10.43 -15.90 -17.34
C SER A 71 11.75 -15.09 -17.20
N GLN A 72 11.98 -14.12 -18.08
CA GLN A 72 13.21 -13.37 -18.00
CA GLN A 72 13.18 -13.29 -18.05
C GLN A 72 13.25 -12.46 -16.75
N LYS A 73 12.09 -11.98 -16.30
CA LYS A 73 11.99 -11.22 -15.06
C LYS A 73 12.18 -12.07 -13.80
N VAL A 74 11.62 -13.28 -13.78
CA VAL A 74 11.91 -14.22 -12.68
C VAL A 74 13.44 -14.48 -12.60
N GLN A 75 14.05 -14.83 -13.72
CA GLN A 75 15.50 -15.01 -13.85
C GLN A 75 16.32 -13.84 -13.29
N ALA A 76 15.92 -12.61 -13.59
CA ALA A 76 16.58 -11.43 -13.03
C ALA A 76 16.40 -11.37 -11.52
N LEU A 77 15.21 -11.68 -11.03
CA LEU A 77 14.97 -11.76 -9.57
C LEU A 77 15.88 -12.80 -8.90
N VAL A 78 15.91 -14.01 -9.45
CA VAL A 78 16.81 -15.07 -9.00
C VAL A 78 18.28 -14.66 -9.07
N SER A 79 18.62 -13.84 -10.08
CA SER A 79 19.96 -13.26 -10.20
C SER A 79 20.32 -12.24 -9.10
N GLY A 80 19.32 -11.84 -8.31
CA GLY A 80 19.53 -10.81 -7.29
C GLY A 80 19.12 -9.40 -7.67
N HIS A 81 18.46 -9.23 -8.84
CA HIS A 81 17.99 -7.92 -9.30
C HIS A 81 16.73 -7.51 -8.56
N GLU A 82 16.63 -6.22 -8.22
CA GLU A 82 15.45 -5.67 -7.52
C GLU A 82 15.16 -4.31 -8.13
N GLY A 83 13.98 -3.77 -7.83
CA GLY A 83 13.62 -2.46 -8.35
C GLY A 83 12.90 -2.58 -9.70
N ILE A 84 12.97 -1.52 -10.50
CA ILE A 84 12.41 -1.54 -11.86
C ILE A 84 13.28 -2.49 -12.64
N LEU A 85 12.67 -3.51 -13.27
CA LEU A 85 13.39 -4.60 -13.96
C LEU A 85 13.25 -4.31 -15.44
N SER A 86 12.22 -3.56 -15.74
CA SER A 86 11.82 -3.14 -17.05
C SER A 86 13.01 -2.66 -17.94
N THR A 88 13.61 -5.68 -20.43
CA THR A 88 12.66 -5.43 -21.50
C THR A 88 12.91 -4.09 -22.18
N ASP A 89 12.12 -3.87 -23.24
CA ASP A 89 11.77 -2.55 -23.71
C ASP A 89 10.23 -2.39 -23.62
N ASN A 90 9.79 -1.38 -22.85
CA ASN A 90 8.40 -0.85 -22.80
C ASN A 90 7.29 -1.57 -22.00
N LYS A 91 7.58 -2.70 -21.40
CA LYS A 91 6.69 -3.24 -20.39
C LYS A 91 7.28 -2.96 -19.02
N LEU A 92 6.42 -2.52 -18.12
CA LEU A 92 6.86 -2.08 -16.80
C LEU A 92 6.82 -3.23 -15.79
N TYR A 93 7.94 -3.46 -15.12
CA TYR A 93 8.06 -4.47 -14.08
C TYR A 93 8.82 -3.94 -12.86
N TYR A 94 8.41 -4.42 -11.71
CA TYR A 94 9.06 -4.09 -10.48
C TYR A 94 9.11 -5.35 -9.61
N GLY A 95 10.27 -5.64 -9.04
CA GLY A 95 10.40 -6.84 -8.23
C GLY A 95 11.18 -6.58 -6.96
N LEU A 96 10.78 -7.31 -5.91
CA LEU A 96 11.39 -7.26 -4.57
C LEU A 96 11.53 -8.69 -4.02
N SER A 97 12.65 -8.96 -3.38
CA SER A 97 12.68 -10.16 -2.53
C SER A 97 11.87 -10.03 -1.23
N LEU A 98 11.46 -11.18 -0.73
CA LEU A 98 10.76 -11.28 0.54
C LEU A 98 11.63 -12.07 1.51
N ARG A 99 11.67 -11.60 2.76
CA ARG A 99 12.50 -12.23 3.79
C ARG A 99 11.70 -12.59 5.05
N SER A 100 12.10 -13.68 5.69
CA SER A 100 11.63 -14.01 7.04
C SER A 100 12.82 -14.32 7.92
N GLU A 101 12.93 -13.59 9.03
CA GLU A 101 14.04 -13.71 9.99
C GLU A 101 15.42 -13.74 9.30
N GLY A 102 15.64 -12.77 8.43
CA GLY A 102 16.90 -12.62 7.67
C GLY A 102 16.86 -13.34 6.33
N GLU A 103 16.49 -14.62 6.40
CA GLU A 103 16.42 -15.52 5.24
C GLU A 103 15.51 -15.07 4.08
N LYS A 104 16.03 -15.02 2.86
CA LYS A 104 15.19 -14.81 1.65
C LYS A 104 14.25 -16.01 1.41
N THR A 105 12.96 -15.76 1.26
CA THR A 105 11.99 -16.86 1.08
C THR A 105 11.30 -16.86 -0.28
N GLY A 106 11.47 -15.77 -1.01
CA GLY A 106 10.91 -15.64 -2.34
C GLY A 106 10.93 -14.21 -2.84
N TYR A 107 10.03 -13.93 -3.77
CA TYR A 107 9.98 -12.66 -4.52
C TYR A 107 8.55 -12.34 -4.85
N VAL A 108 8.28 -11.03 -4.96
CA VAL A 108 7.06 -10.52 -5.52
C VAL A 108 7.41 -9.72 -6.81
N LEU A 109 6.65 -9.98 -7.87
CA LEU A 109 6.91 -9.38 -9.14
C LEU A 109 5.63 -8.70 -9.56
N LEU A 110 5.70 -7.40 -9.84
CA LEU A 110 4.55 -6.69 -10.40
C LEU A 110 4.77 -6.33 -11.84
N SER A 111 3.71 -6.35 -12.62
CA SER A 111 3.75 -5.72 -13.94
C SER A 111 2.52 -4.90 -14.20
N ALA A 112 2.69 -3.75 -14.83
CA ALA A 112 1.57 -2.85 -15.06
C ALA A 112 0.79 -3.38 -16.25
N SER A 113 -0.56 -3.43 -16.18
CA SER A 113 -1.46 -2.99 -15.05
C SER A 113 -0.86 -2.58 -13.68
N THR B 5 -15.67 -12.19 1.58
CA THR B 5 -16.08 -12.58 0.19
C THR B 5 -16.98 -11.53 -0.46
N SER B 6 -17.82 -10.91 0.36
CA SER B 6 -18.62 -9.74 -0.03
C SER B 6 -17.66 -8.69 -0.59
N ASP B 7 -18.11 -7.96 -1.62
CA ASP B 7 -17.31 -6.88 -2.21
C ASP B 7 -17.12 -5.70 -1.22
N GLN B 8 -18.18 -5.40 -0.46
CA GLN B 8 -18.15 -4.37 0.58
C GLN B 8 -17.15 -4.72 1.69
N ARG B 9 -17.18 -5.97 2.17
CA ARG B 9 -16.22 -6.49 3.15
C ARG B 9 -14.78 -6.43 2.64
N LYS B 10 -14.58 -6.77 1.37
CA LYS B 10 -13.24 -6.68 0.77
C LYS B 10 -12.79 -5.25 0.63
N ALA B 11 -13.69 -4.33 0.25
CA ALA B 11 -13.32 -2.91 0.13
C ALA B 11 -12.92 -2.30 1.50
N GLU B 12 -13.63 -2.68 2.55
CA GLU B 12 -13.34 -2.22 3.90
C GLU B 12 -12.03 -2.77 4.46
N GLU B 13 -11.81 -4.07 4.30
CA GLU B 13 -10.55 -4.70 4.72
C GLU B 13 -9.34 -4.09 4.00
N HIS B 14 -9.51 -3.83 2.72
CA HIS B 14 -8.47 -3.21 1.91
C HIS B 14 -8.15 -1.79 2.37
N ILE B 15 -9.15 -0.94 2.58
CA ILE B 15 -8.86 0.41 3.10
C ILE B 15 -8.24 0.43 4.52
N GLU B 16 -8.68 -0.49 5.37
CA GLU B 16 -8.05 -0.73 6.68
C GLU B 16 -6.56 -1.06 6.59
N LYS B 17 -6.17 -2.00 5.74
CA LYS B 17 -4.77 -2.34 5.54
C LYS B 17 -3.92 -1.18 4.96
N GLU B 18 -4.49 -0.45 4.01
CA GLU B 18 -3.86 0.76 3.48
C GLU B 18 -3.61 1.82 4.55
N ALA B 19 -4.63 2.11 5.37
CA ALA B 19 -4.51 3.12 6.41
C ALA B 19 -3.46 2.74 7.44
N LYS B 20 -3.44 1.48 7.85
CA LYS B 20 -2.45 1.01 8.82
C LYS B 20 -1.06 0.99 8.19
N TYR B 21 -0.96 0.62 6.92
CA TYR B 21 0.32 0.72 6.22
C TYR B 21 0.88 2.14 6.32
N LEU B 22 0.06 3.08 5.88
CA LEU B 22 0.38 4.50 5.84
C LEU B 22 0.79 5.06 7.18
N ALA B 23 -0.01 4.79 8.21
CA ALA B 23 0.33 5.18 9.60
C ALA B 23 1.69 4.61 10.07
N SER B 24 1.99 3.37 9.67
CA SER B 24 3.30 2.75 9.98
C SER B 24 4.50 3.47 9.33
N LEU B 25 4.25 4.19 8.24
CA LEU B 25 5.34 4.88 7.54
C LEU B 25 5.62 6.29 8.10
N LEU B 26 4.61 6.90 8.68
CA LEU B 26 4.70 8.25 9.20
C LEU B 26 5.58 8.33 10.45
N ASP B 27 6.40 9.38 10.51
CA ASP B 27 7.04 9.79 11.74
C ASP B 27 6.05 10.60 12.57
N ALA B 28 5.40 9.96 13.54
CA ALA B 28 4.32 10.60 14.29
C ALA B 28 4.83 11.57 15.36
N GLY B 29 6.12 11.50 15.66
CA GLY B 29 6.80 12.48 16.54
C GLY B 29 7.12 13.79 15.86
N ASN B 30 7.04 13.80 14.52
CA ASN B 30 7.25 15.00 13.69
C ASN B 30 6.24 15.08 12.54
N LEU B 31 4.97 15.15 12.87
CA LEU B 31 3.91 15.04 11.85
C LEU B 31 3.92 16.10 10.77
N ASN B 32 4.07 17.36 11.18
CA ASN B 32 4.01 18.46 10.23
C ASN B 32 5.39 18.73 9.69
N ASN B 33 5.87 17.84 8.85
CA ASN B 33 7.18 18.00 8.21
C ASN B 33 7.12 17.59 6.73
N GLN B 34 8.14 17.97 5.96
N GLN B 34 8.15 17.95 5.96
CA GLN B 34 8.21 17.72 4.51
CA GLN B 34 8.15 17.71 4.50
C GLN B 34 8.23 16.23 4.18
C GLN B 34 8.34 16.24 4.09
N ALA B 35 8.96 15.46 4.97
CA ALA B 35 9.18 14.03 4.71
C ALA B 35 7.89 13.22 4.81
N ASN B 36 7.11 13.51 5.85
CA ASN B 36 5.80 12.87 6.06
C ASN B 36 4.79 13.24 4.97
N GLU B 37 4.84 14.49 4.54
CA GLU B 37 3.99 15.02 3.49
C GLU B 37 4.23 14.30 2.15
N LYS B 38 5.49 14.05 1.83
CA LYS B 38 5.88 13.34 0.62
C LYS B 38 5.37 11.89 0.61
N ILE B 39 5.58 11.18 1.72
CA ILE B 39 5.04 9.83 1.97
C ILE B 39 3.54 9.74 1.69
N ILE B 40 2.77 10.67 2.26
CA ILE B 40 1.32 10.79 2.01
C ILE B 40 0.96 11.13 0.56
N LYS B 41 1.64 12.10 -0.04
CA LYS B 41 1.46 12.43 -1.44
C LYS B 41 1.73 11.20 -2.34
N ASP B 42 2.85 10.52 -2.14
CA ASP B 42 3.24 9.42 -3.03
C ASP B 42 2.38 8.18 -2.84
N ALA B 43 2.07 7.85 -1.58
CA ALA B 43 1.19 6.75 -1.23
C ALA B 43 -0.22 6.97 -1.76
N GLY B 44 -0.75 8.17 -1.54
CA GLY B 44 -2.06 8.54 -2.06
C GLY B 44 -2.25 8.14 -3.50
N GLY B 45 -1.33 8.59 -4.37
CA GLY B 45 -1.38 8.30 -5.82
C GLY B 45 -1.14 6.84 -6.19
N ALA B 46 -0.22 6.18 -5.50
CA ALA B 46 0.10 4.77 -5.80
C ALA B 46 -0.97 3.78 -5.37
N LEU B 47 -1.64 4.10 -4.26
CA LEU B 47 -2.61 3.22 -3.60
C LEU B 47 -4.09 3.52 -3.94
N ASP B 48 -4.32 4.57 -4.74
CA ASP B 48 -5.68 4.96 -5.18
C ASP B 48 -6.55 5.37 -4.03
N VAL B 49 -6.00 6.13 -3.09
CA VAL B 49 -6.77 6.65 -2.00
C VAL B 49 -6.47 8.11 -1.92
N SER B 50 -7.38 8.82 -1.28
CA SER B 50 -7.14 10.18 -0.86
C SER B 50 -6.81 10.07 0.63
N ALA B 51 -5.68 10.63 1.02
CA ALA B 51 -5.21 10.54 2.41
C ALA B 51 -4.88 11.93 2.95
N SER B 52 -5.30 12.21 4.17
CA SER B 52 -5.01 13.46 4.88
C SER B 52 -4.42 13.17 6.26
N VAL B 53 -3.49 14.00 6.69
CA VAL B 53 -3.00 14.01 8.09
C VAL B 53 -3.54 15.25 8.82
N ILE B 54 -4.12 15.00 9.99
CA ILE B 54 -4.82 15.98 10.79
C ILE B 54 -4.15 16.03 12.19
N ASP B 55 -3.96 17.23 12.75
CA ASP B 55 -3.47 17.33 14.13
C ASP B 55 -4.62 17.14 15.15
N THR B 56 -4.26 17.18 16.43
CA THR B 56 -5.16 16.84 17.53
C THR B 56 -6.28 17.87 17.70
N ASP B 57 -6.02 19.09 17.21
CA ASP B 57 -7.01 20.17 17.17
C ASP B 57 -7.98 20.10 15.96
N GLY B 58 -7.87 19.11 15.11
CA GLY B 58 -8.75 19.04 13.94
C GLY B 58 -8.27 19.81 12.72
N LYS B 59 -7.07 20.38 12.77
CA LYS B 59 -6.52 21.09 11.62
C LYS B 59 -5.83 20.15 10.64
N VAL B 60 -6.11 20.33 9.35
CA VAL B 60 -5.55 19.46 8.36
C VAL B 60 -4.20 19.98 7.93
N LEU B 61 -3.19 19.14 8.06
CA LEU B 61 -1.79 19.53 7.81
C LEU B 61 -1.41 19.44 6.34
N TYR B 62 -1.78 18.31 5.72
CA TYR B 62 -1.50 18.05 4.30
C TYR B 62 -2.35 16.89 3.87
N GLY B 63 -2.55 16.76 2.57
CA GLY B 63 -3.15 15.57 2.01
C GLY B 63 -2.65 15.24 0.63
N SER B 64 -2.74 13.96 0.28
CA SER B 64 -2.36 13.51 -1.07
C SER B 64 -3.15 14.20 -2.18
N ASN B 65 -4.34 14.70 -1.86
CA ASN B 65 -5.26 15.28 -2.85
C ASN B 65 -5.58 16.74 -2.48
N GLY B 66 -4.67 17.41 -1.79
CA GLY B 66 -4.97 18.74 -1.27
C GLY B 66 -5.14 18.73 0.24
N ARG B 67 -4.97 19.91 0.85
CA ARG B 67 -5.01 20.02 2.31
C ARG B 67 -6.46 20.14 2.77
N SER B 68 -7.19 19.04 2.68
CA SER B 68 -8.60 19.05 3.01
C SER B 68 -9.05 17.71 3.54
N ALA B 69 -10.15 17.75 4.26
CA ALA B 69 -10.74 16.55 4.88
C ALA B 69 -12.22 16.87 5.16
N ASP B 70 -13.07 15.88 4.96
CA ASP B 70 -14.43 15.96 5.32
C ASP B 70 -14.60 16.31 6.79
N SER B 71 -15.33 17.39 7.03
CA SER B 71 -15.55 17.92 8.37
C SER B 71 -16.15 16.89 9.37
N GLN B 72 -17.16 16.15 8.94
N GLN B 72 -17.18 16.16 8.94
CA GLN B 72 -17.85 15.19 9.81
CA GLN B 72 -17.86 15.20 9.80
C GLN B 72 -16.94 14.07 10.26
C GLN B 72 -16.92 14.08 10.27
N LYS B 73 -16.10 13.60 9.35
CA LYS B 73 -15.12 12.56 9.65
C LYS B 73 -14.01 13.05 10.62
N VAL B 74 -13.55 14.29 10.44
CA VAL B 74 -12.57 14.89 11.34
C VAL B 74 -13.19 15.06 12.74
N GLN B 75 -14.43 15.57 12.80
CA GLN B 75 -15.16 15.61 14.05
C GLN B 75 -15.19 14.22 14.71
N ALA B 76 -15.50 13.16 13.94
CA ALA B 76 -15.54 11.80 14.49
C ALA B 76 -14.14 11.41 15.06
N LEU B 77 -13.09 11.66 14.29
CA LEU B 77 -11.73 11.38 14.73
C LEU B 77 -11.35 12.08 16.05
N VAL B 78 -11.64 13.37 16.14
CA VAL B 78 -11.41 14.16 17.36
C VAL B 78 -12.25 13.64 18.53
N SER B 79 -13.42 13.10 18.23
CA SER B 79 -14.27 12.54 19.28
C SER B 79 -13.78 11.14 19.77
N GLY B 80 -12.72 10.61 19.15
CA GLY B 80 -12.12 9.33 19.56
C GLY B 80 -12.46 8.13 18.68
N HIS B 81 -13.25 8.33 17.62
CA HIS B 81 -13.64 7.21 16.71
C HIS B 81 -12.53 6.82 15.75
N GLU B 82 -12.43 5.53 15.46
CA GLU B 82 -11.43 5.01 14.54
C GLU B 82 -12.04 3.87 13.74
N GLY B 83 -11.32 3.43 12.71
CA GLY B 83 -11.78 2.31 11.89
C GLY B 83 -12.64 2.87 10.78
N ILE B 84 -13.59 2.08 10.31
CA ILE B 84 -14.52 2.53 9.26
C ILE B 84 -15.45 3.59 9.83
N LEU B 85 -15.48 4.78 9.23
CA LEU B 85 -16.27 5.93 9.66
C LEU B 85 -17.56 6.11 8.87
N SER B 86 -18.52 6.83 9.45
CA SER B 86 -19.99 6.77 9.05
C SER B 86 -20.54 7.80 8.04
N THR B 87 -20.18 7.63 6.78
CA THR B 87 -20.63 8.50 5.72
C THR B 87 -22.06 8.12 5.34
N THR B 88 -22.66 8.85 4.40
CA THR B 88 -23.95 8.46 3.77
C THR B 88 -23.99 8.75 2.26
N ASN B 90 -22.62 5.70 2.16
CA ASN B 90 -21.99 4.89 1.12
C ASN B 90 -20.46 5.05 1.05
N LYS B 91 -20.00 6.23 0.64
CA LYS B 91 -18.57 6.55 0.42
C LYS B 91 -17.61 6.04 1.50
N LEU B 92 -16.55 5.33 1.12
CA LEU B 92 -15.70 4.63 2.09
C LEU B 92 -14.62 5.49 2.77
N TYR B 93 -14.64 5.52 4.11
CA TYR B 93 -13.68 6.27 4.93
C TYR B 93 -13.05 5.41 6.06
N TYR B 94 -11.78 5.62 6.31
CA TYR B 94 -11.12 4.93 7.37
C TYR B 94 -10.16 5.87 8.10
N GLY B 95 -10.27 5.93 9.41
CA GLY B 95 -9.36 6.78 10.20
C GLY B 95 -8.65 6.09 11.35
N LEU B 96 -7.43 6.52 11.62
CA LEU B 96 -6.58 6.01 12.70
C LEU B 96 -5.89 7.17 13.40
N SER B 97 -5.73 7.04 14.71
CA SER B 97 -4.96 8.01 15.48
C SER B 97 -3.49 7.66 15.36
N LEU B 98 -2.65 8.69 15.42
CA LEU B 98 -1.21 8.50 15.36
C LEU B 98 -0.61 8.85 16.72
N ARG B 99 0.39 8.08 17.16
CA ARG B 99 0.95 8.25 18.51
C ARG B 99 2.47 8.26 18.51
N SER B 100 3.04 9.10 19.37
CA SER B 100 4.47 9.16 19.57
C SER B 100 4.81 9.28 21.06
N GLU B 101 5.64 8.35 21.54
CA GLU B 101 6.12 8.30 22.91
C GLU B 101 4.97 8.35 23.96
N GLY B 102 3.90 7.62 23.64
CA GLY B 102 2.81 7.41 24.61
C GLY B 102 1.72 8.47 24.53
N GLU B 103 1.79 9.34 23.54
CA GLU B 103 0.85 10.45 23.41
C GLU B 103 0.34 10.54 21.98
N LYS B 104 -0.93 10.89 21.84
CA LYS B 104 -1.56 11.17 20.53
C LYS B 104 -1.03 12.47 19.91
N THR B 105 -0.59 12.41 18.66
CA THR B 105 -0.06 13.61 18.01
C THR B 105 -0.89 14.05 16.80
N GLY B 106 -1.82 13.19 16.39
CA GLY B 106 -2.64 13.46 15.21
C GLY B 106 -3.44 12.25 14.72
N TYR B 107 -3.96 12.39 13.49
CA TYR B 107 -4.80 11.39 12.82
C TYR B 107 -4.44 11.26 11.34
N VAL B 108 -4.65 10.06 10.79
CA VAL B 108 -4.65 9.85 9.34
C VAL B 108 -6.07 9.44 8.89
N LEU B 109 -6.52 10.05 7.80
CA LEU B 109 -7.83 9.78 7.29
C LEU B 109 -7.73 9.37 5.82
N LEU B 110 -8.29 8.20 5.50
CA LEU B 110 -8.34 7.72 4.13
C LEU B 110 -9.75 7.69 3.62
N SER B 111 -9.85 8.08 2.37
CA SER B 111 -11.03 8.09 1.55
C SER B 111 -10.74 7.24 0.32
N ALA B 112 -11.63 6.31 0.00
CA ALA B 112 -11.58 5.60 -1.26
C ALA B 112 -12.67 6.19 -2.14
N SER B 113 -12.29 6.76 -3.30
CA SER B 113 -10.92 6.77 -3.91
C SER B 113 -9.97 5.66 -3.42
N1 EPE C . 20.39 -16.40 -1.85
C2 EPE C . 19.51 -15.92 -2.94
C3 EPE C . 18.60 -17.02 -3.45
N4 EPE C . 19.15 -18.33 -3.20
C5 EPE C . 20.61 -18.46 -3.20
C6 EPE C . 21.35 -17.42 -2.35
C7 EPE C . 18.30 -19.34 -2.59
C8 EPE C . 18.66 -20.80 -2.89
O8 EPE C . 17.88 -21.30 -3.97
C9 EPE C . 21.11 -15.26 -1.26
C10 EPE C . 20.16 -14.64 -0.23
S EPE C . 20.84 -13.30 0.77
O1S EPE C . 20.23 -13.30 2.09
O2S EPE C . 20.51 -12.05 0.11
O3S EPE C . 22.28 -13.41 0.92
C1 EDO D . -3.31 -22.80 4.22
O1 EDO D . -2.13 -23.52 3.82
C2 EDO D . -2.99 -21.78 5.32
O2 EDO D . -3.57 -20.50 5.02
N1 EPE E . -6.19 13.17 23.61
C2 EPE E . -7.21 13.43 22.58
C3 EPE E . -7.64 14.89 22.59
N4 EPE E . -6.46 15.72 22.47
C5 EPE E . -5.18 15.06 22.30
C6 EPE E . -4.95 13.91 23.29
C7 EPE E . -6.52 17.10 22.93
C8 EPE E . -6.72 18.11 21.81
O8 EPE E . -5.50 18.74 21.46
C9 EPE E . -5.94 11.73 23.64
C10 EPE E . -5.66 11.19 25.05
S EPE E . -4.92 9.54 25.00
O1S EPE E . -5.52 8.77 23.91
O2S EPE E . -5.06 8.83 26.28
O3S EPE E . -3.50 9.66 24.66
C1 EDO F . 11.78 18.00 7.60
O1 EDO F . 11.54 16.81 6.80
C2 EDO F . 11.35 19.29 6.89
O2 EDO F . 10.50 20.08 7.74
#